data_5DS7
#
_entry.id   5DS7
#
_cell.length_a   51.870
_cell.length_b   75.650
_cell.length_c   80.270
_cell.angle_alpha   90.000
_cell.angle_beta   90.000
_cell.angle_gamma   90.000
#
_symmetry.space_group_name_H-M   'P 21 21 21'
#
loop_
_entity.id
_entity.type
_entity.pdbx_description
1 polymer 'Nitrogen regulatory protein P-II'
2 non-polymer 'ADENOSINE MONOPHOSPHATE'
3 non-polymer 'CHLORIDE ION'
4 water water
#
_entity_poly.entity_id   1
_entity_poly.type   'polypeptide(L)'
_entity_poly.pdbx_seq_one_letter_code
;MNAIKLYPLKKLEIILEGAHKEFATDLLDRAGVKGYTIVGNLSGKGSHGMYEGHLMFNEDDALIMIIAAVPEELVGPLLE
GFQPFFEAHSGVVFVHDIQVGRPIKFRN
;
_entity_poly.pdbx_strand_id   A,B,C
#
loop_
_chem_comp.id
_chem_comp.type
_chem_comp.name
_chem_comp.formula
AMP non-polymer 'ADENOSINE MONOPHOSPHATE' 'C10 H14 N5 O7 P'
CL non-polymer 'CHLORIDE ION' 'Cl -1'
#
# COMPACT_ATOMS: atom_id res chain seq x y z
N ILE A 4 -22.91 9.46 -0.35
CA ILE A 4 -22.09 8.42 0.27
C ILE A 4 -21.80 8.72 1.74
N LYS A 5 -21.67 7.64 2.51
CA LYS A 5 -21.39 7.69 3.94
C LYS A 5 -20.10 6.92 4.19
N LEU A 6 -19.17 7.49 4.95
CA LEU A 6 -17.91 6.81 5.25
C LEU A 6 -17.94 6.01 6.55
N TYR A 7 -17.55 4.75 6.50
CA TYR A 7 -17.56 3.89 7.68
C TYR A 7 -16.17 3.37 8.00
N PRO A 8 -15.82 3.28 9.29
CA PRO A 8 -14.49 2.83 9.70
C PRO A 8 -14.28 1.33 9.55
N LEU A 9 -13.11 0.95 9.05
CA LEU A 9 -12.67 -0.44 8.96
C LEU A 9 -11.17 -0.56 9.25
N LYS A 10 -10.69 -1.79 9.38
CA LYS A 10 -9.25 -2.05 9.53
C LYS A 10 -8.73 -2.71 8.25
N LYS A 11 -7.49 -2.42 7.91
CA LYS A 11 -6.90 -3.06 6.75
C LYS A 11 -5.60 -3.73 7.13
N LEU A 12 -5.55 -5.06 7.01
CA LEU A 12 -4.31 -5.79 7.24
C LEU A 12 -3.49 -5.86 5.96
N GLU A 13 -2.19 -5.66 6.10
CA GLU A 13 -1.24 -6.03 5.05
C GLU A 13 -0.40 -7.13 5.66
N ILE A 14 -0.49 -8.32 5.07
CA ILE A 14 0.15 -9.54 5.59
C ILE A 14 1.21 -10.03 4.59
N ILE A 15 2.47 -9.84 4.93
CA ILE A 15 3.59 -10.17 4.06
C ILE A 15 4.28 -11.46 4.52
N LEU A 16 4.35 -12.45 3.64
CA LEU A 16 4.85 -13.77 3.99
C LEU A 16 5.23 -14.50 2.72
N GLU A 17 5.92 -15.63 2.88
CA GLU A 17 6.41 -16.41 1.74
C GLU A 17 5.25 -17.00 1.00
N GLY A 18 5.32 -16.97 -0.33
CA GLY A 18 4.22 -17.41 -1.17
C GLY A 18 3.87 -18.87 -1.00
N ALA A 19 4.84 -19.66 -0.55
CA ALA A 19 4.63 -21.07 -0.21
C ALA A 19 3.53 -21.28 0.84
N HIS A 20 3.18 -20.24 1.58
CA HIS A 20 2.18 -20.39 2.62
C HIS A 20 0.91 -19.63 2.30
N LYS A 21 0.74 -19.26 1.04
CA LYS A 21 -0.42 -18.49 0.63
C LYS A 21 -1.74 -19.20 0.96
N GLU A 22 -1.78 -20.49 0.68
CA GLU A 22 -2.97 -21.31 0.96
C GLU A 22 -3.32 -21.34 2.39
N PHE A 23 -2.34 -21.52 3.21
CA PHE A 23 -2.58 -21.53 4.66
C PHE A 23 -3.23 -20.22 5.11
N ALA A 24 -2.68 -19.13 4.61
CA ALA A 24 -3.11 -17.79 4.97
C ALA A 24 -4.52 -17.51 4.47
N THR A 25 -4.78 -17.73 3.18
CA THR A 25 -6.12 -17.49 2.65
C THR A 25 -7.14 -18.39 3.35
N ASP A 26 -6.78 -19.63 3.66
CA ASP A 26 -7.73 -20.49 4.35
C ASP A 26 -8.10 -19.91 5.67
N LEU A 27 -7.10 -19.48 6.41
CA LEU A 27 -7.27 -18.86 7.71
C LEU A 27 -8.18 -17.66 7.65
N LEU A 28 -7.97 -16.84 6.65
CA LEU A 28 -8.85 -15.68 6.41
C LEU A 28 -10.30 -16.13 6.18
N ASP A 29 -10.47 -17.09 5.28
CA ASP A 29 -11.79 -17.62 4.95
C ASP A 29 -12.54 -18.14 6.19
N ARG A 30 -11.92 -18.99 6.99
CA ARG A 30 -12.60 -19.54 8.15
C ARG A 30 -12.90 -18.55 9.23
N ALA A 31 -12.17 -17.46 9.27
CA ALA A 31 -12.47 -16.42 10.27
C ALA A 31 -13.60 -15.49 9.83
N GLY A 32 -14.09 -15.67 8.60
CA GLY A 32 -15.19 -14.85 8.11
C GLY A 32 -14.83 -13.64 7.25
N VAL A 33 -13.57 -13.53 6.87
CA VAL A 33 -13.13 -12.42 6.03
C VAL A 33 -13.81 -12.48 4.67
N LYS A 34 -14.53 -11.43 4.33
CA LYS A 34 -15.36 -11.43 3.14
C LYS A 34 -14.56 -11.22 1.85
N GLY A 35 -13.30 -10.82 1.95
CA GLY A 35 -12.47 -10.67 0.77
C GLY A 35 -11.00 -10.37 1.04
N TYR A 36 -10.17 -10.57 0.02
CA TYR A 36 -8.76 -10.21 0.13
C TYR A 36 -8.15 -9.99 -1.25
N THR A 37 -7.01 -9.32 -1.27
CA THR A 37 -6.31 -9.00 -2.52
C THR A 37 -4.87 -9.41 -2.36
N ILE A 38 -4.26 -9.99 -3.39
CA ILE A 38 -2.90 -10.48 -3.22
C ILE A 38 -1.91 -9.89 -4.22
N VAL A 39 -0.80 -9.40 -3.69
CA VAL A 39 0.26 -8.79 -4.50
C VAL A 39 1.47 -9.70 -4.55
N GLY A 40 1.93 -10.01 -5.75
CA GLY A 40 2.99 -10.99 -5.92
C GLY A 40 4.29 -10.46 -6.46
N ASN A 41 5.23 -11.37 -6.60
CA ASN A 41 6.56 -11.08 -7.09
C ASN A 41 7.12 -9.88 -6.32
N LEU A 42 7.22 -10.03 -5.02
CA LEU A 42 7.76 -8.99 -4.19
C LEU A 42 9.18 -9.31 -3.89
N SER A 43 9.93 -8.33 -3.44
CA SER A 43 11.28 -8.54 -3.00
C SER A 43 11.40 -7.84 -1.65
N GLY A 44 12.50 -8.03 -0.94
CA GLY A 44 12.62 -7.41 0.36
C GLY A 44 13.76 -7.82 1.27
N LYS A 45 13.88 -7.13 2.40
CA LYS A 45 14.94 -7.38 3.36
C LYS A 45 14.30 -7.57 4.74
N GLY A 46 14.77 -8.56 5.47
CA GLY A 46 14.26 -8.86 6.79
C GLY A 46 15.35 -9.38 7.69
N SER A 47 15.00 -9.77 8.90
CA SER A 47 15.96 -10.26 9.86
C SER A 47 16.69 -11.44 9.27
N HIS A 48 15.99 -12.18 8.44
CA HIS A 48 16.51 -13.34 7.77
C HIS A 48 17.05 -13.03 6.37
N GLY A 49 17.86 -11.99 6.27
CA GLY A 49 18.45 -11.65 4.99
C GLY A 49 17.59 -11.12 3.86
N MET A 50 18.10 -11.30 2.65
CA MET A 50 17.51 -10.83 1.42
C MET A 50 16.63 -11.76 0.59
N TYR A 51 15.55 -11.19 0.02
CA TYR A 51 14.61 -11.83 -0.89
C TYR A 51 14.66 -10.97 -2.15
N GLU A 52 14.91 -11.58 -3.29
CA GLU A 52 14.99 -10.85 -4.53
C GLU A 52 14.00 -11.37 -5.53
N ALA A 62 8.12 -16.43 -4.25
CA ALA A 62 8.95 -15.48 -3.51
C ALA A 62 8.17 -14.99 -2.30
N LEU A 63 8.12 -13.67 -2.14
CA LEU A 63 7.22 -13.07 -1.15
C LEU A 63 5.92 -12.63 -1.81
N ILE A 64 4.87 -12.59 -1.01
CA ILE A 64 3.58 -12.04 -1.43
C ILE A 64 3.06 -11.13 -0.29
N MET A 65 2.10 -10.29 -0.62
CA MET A 65 1.48 -9.46 0.38
C MET A 65 -0.02 -9.64 0.25
N ILE A 66 -0.69 -10.00 1.33
CA ILE A 66 -2.15 -10.13 1.34
C ILE A 66 -2.78 -8.91 1.99
N ILE A 67 -3.69 -8.28 1.25
CA ILE A 67 -4.41 -7.10 1.71
C ILE A 67 -5.85 -7.51 2.08
N ALA A 68 -6.27 -7.19 3.29
CA ALA A 68 -7.60 -7.62 3.74
C ALA A 68 -8.31 -6.58 4.60
N ALA A 69 -9.36 -5.98 4.06
CA ALA A 69 -10.15 -5.05 4.86
C ALA A 69 -11.10 -5.88 5.71
N VAL A 70 -11.19 -5.54 6.97
CA VAL A 70 -12.03 -6.26 7.87
C VAL A 70 -12.52 -5.37 8.97
N PRO A 71 -13.66 -5.82 9.59
CA PRO A 71 -14.10 -5.00 10.72
C PRO A 71 -13.21 -5.18 11.90
N GLU A 72 -13.12 -4.18 12.73
CA GLU A 72 -12.27 -4.22 13.87
C GLU A 72 -12.40 -5.44 14.77
N GLU A 73 -13.60 -5.97 14.93
CA GLU A 73 -13.76 -7.16 15.78
C GLU A 73 -13.03 -8.38 15.30
N LEU A 74 -12.63 -8.40 14.05
CA LEU A 74 -11.96 -9.53 13.44
C LEU A 74 -10.43 -9.48 13.60
N VAL A 75 -9.90 -8.32 13.93
CA VAL A 75 -8.45 -8.13 13.99
C VAL A 75 -7.82 -9.03 15.05
N GLY A 76 -8.30 -8.94 16.29
CA GLY A 76 -7.80 -9.77 17.37
C GLY A 76 -7.87 -11.27 17.12
N PRO A 77 -9.03 -11.77 16.70
CA PRO A 77 -9.09 -13.21 16.39
C PRO A 77 -8.14 -13.57 15.23
N LEU A 78 -7.98 -12.68 14.26
CA LEU A 78 -7.08 -12.94 13.13
C LEU A 78 -5.63 -12.98 13.57
N LEU A 79 -5.22 -12.04 14.40
CA LEU A 79 -3.83 -12.04 14.83
C LEU A 79 -3.51 -13.30 15.64
N GLU A 80 -4.45 -13.74 16.48
CA GLU A 80 -4.22 -14.94 17.28
C GLU A 80 -4.12 -16.20 16.43
N GLY A 81 -4.88 -16.26 15.35
CA GLY A 81 -4.79 -17.40 14.43
C GLY A 81 -3.48 -17.44 13.65
N PHE A 82 -2.92 -16.28 13.38
CA PHE A 82 -1.65 -16.19 12.66
C PHE A 82 -0.45 -16.32 13.58
N GLN A 83 -0.69 -16.23 14.89
CA GLN A 83 0.42 -16.18 15.84
C GLN A 83 1.33 -17.41 15.75
N PRO A 84 0.75 -18.63 15.76
CA PRO A 84 1.62 -19.80 15.66
C PRO A 84 2.51 -19.76 14.41
N PHE A 85 1.93 -19.37 13.28
CA PHE A 85 2.69 -19.34 12.04
C PHE A 85 3.82 -18.30 12.11
N PHE A 86 3.50 -17.08 12.54
CA PHE A 86 4.50 -16.01 12.50
C PHE A 86 5.54 -16.13 13.62
N GLU A 87 5.27 -16.91 14.66
CA GLU A 87 6.32 -17.13 15.66
C GLU A 87 7.35 -18.18 15.22
N ALA A 88 7.14 -18.77 14.05
CA ALA A 88 8.08 -19.75 13.49
C ALA A 88 8.37 -19.56 11.98
N HIS A 89 7.87 -18.47 11.39
CA HIS A 89 8.12 -18.19 9.97
C HIS A 89 8.30 -16.70 9.73
N SER A 90 9.13 -16.37 8.74
CA SER A 90 9.31 -14.99 8.28
C SER A 90 7.98 -14.31 7.96
N GLY A 91 7.94 -13.00 8.13
CA GLY A 91 6.80 -12.21 7.72
C GLY A 91 6.31 -11.22 8.74
N VAL A 92 5.50 -10.27 8.28
CA VAL A 92 5.04 -9.19 9.14
C VAL A 92 3.57 -8.87 8.89
N VAL A 93 2.90 -8.28 9.88
CA VAL A 93 1.52 -7.85 9.74
C VAL A 93 1.38 -6.37 10.12
N PHE A 94 0.85 -5.56 9.21
CA PHE A 94 0.63 -4.14 9.48
C PHE A 94 -0.87 -3.84 9.56
N VAL A 95 -1.33 -3.23 10.66
CA VAL A 95 -2.75 -2.90 10.80
C VAL A 95 -2.98 -1.41 10.51
N HIS A 96 -3.79 -1.10 9.50
CA HIS A 96 -4.17 0.29 9.19
C HIS A 96 -5.58 0.62 9.63
N ASP A 97 -5.83 1.88 9.95
CA ASP A 97 -7.20 2.38 10.02
C ASP A 97 -7.59 2.90 8.64
N ILE A 98 -8.72 2.44 8.11
CA ILE A 98 -9.18 3.00 6.85
C ILE A 98 -10.67 3.31 6.96
N GLN A 99 -11.17 4.05 5.98
CA GLN A 99 -12.61 4.23 5.81
C GLN A 99 -13.05 3.69 4.47
N VAL A 100 -14.29 3.21 4.44
CA VAL A 100 -14.90 2.77 3.21
C VAL A 100 -16.27 3.40 3.01
N GLY A 101 -16.61 3.64 1.76
CA GLY A 101 -17.86 4.27 1.42
C GLY A 101 -18.99 3.27 1.42
N ARG A 102 -20.16 3.76 1.79
CA ARG A 102 -21.38 2.99 1.71
C ARG A 102 -22.47 4.01 1.40
N PRO A 103 -23.18 3.81 0.26
CA PRO A 103 -24.24 4.72 -0.16
C PRO A 103 -25.61 4.33 0.41
N ALA B 3 -5.79 -9.97 23.55
CA ALA B 3 -4.76 -11.00 23.65
C ALA B 3 -3.46 -10.62 22.93
N ILE B 4 -3.48 -10.15 21.68
CA ILE B 4 -2.23 -9.74 21.17
C ILE B 4 -2.27 -8.24 21.29
N LYS B 5 -1.27 -7.68 21.94
CA LYS B 5 -1.17 -6.25 22.11
C LYS B 5 -0.69 -5.59 20.83
N LEU B 6 -1.18 -4.42 20.52
CA LEU B 6 -0.77 -3.70 19.31
C LEU B 6 -0.07 -2.39 19.66
N TYR B 7 0.98 -2.08 18.93
CA TYR B 7 1.79 -0.91 19.20
C TYR B 7 1.83 -0.02 17.97
N PRO B 8 1.93 1.31 18.15
CA PRO B 8 1.98 2.21 16.99
C PRO B 8 3.33 2.20 16.31
N LEU B 9 3.49 2.36 15.04
CA LEU B 9 4.61 2.74 14.20
C LEU B 9 4.02 3.57 13.07
N LYS B 10 5.15 3.85 12.25
CA LYS B 10 4.88 4.50 10.99
C LYS B 10 5.20 3.54 9.83
N LYS B 11 4.56 3.75 8.70
CA LYS B 11 4.89 2.97 7.54
C LYS B 11 5.06 3.94 6.37
N LEU B 12 6.23 3.92 5.75
CA LEU B 12 6.46 4.75 4.57
C LEU B 12 6.17 4.00 3.29
N GLU B 13 5.57 4.68 2.31
CA GLU B 13 5.53 4.18 0.94
C GLU B 13 6.34 5.13 0.08
N ILE B 14 7.42 4.62 -0.49
CA ILE B 14 8.34 5.46 -1.27
C ILE B 14 8.32 5.00 -2.70
N ILE B 15 7.90 5.89 -3.60
CA ILE B 15 7.73 5.54 -5.01
C ILE B 15 8.75 6.30 -5.82
N LEU B 16 9.58 5.60 -6.57
CA LEU B 16 10.62 6.24 -7.38
C LEU B 16 11.11 5.28 -8.48
N GLU B 17 11.88 5.80 -9.43
CA GLU B 17 12.41 4.99 -10.52
C GLU B 17 13.38 3.94 -9.99
N GLY B 18 13.31 2.73 -10.54
CA GLY B 18 14.09 1.61 -10.07
C GLY B 18 15.59 1.78 -10.11
N ALA B 19 16.08 2.67 -10.96
CA ALA B 19 17.53 2.91 -11.06
C ALA B 19 18.09 3.51 -9.79
N HIS B 20 17.24 4.21 -9.04
CA HIS B 20 17.67 4.76 -7.76
C HIS B 20 17.35 3.87 -6.55
N LYS B 21 17.10 2.58 -6.76
CA LYS B 21 16.73 1.71 -5.64
C LYS B 21 17.81 1.69 -4.57
N GLU B 22 19.06 1.48 -4.99
CA GLU B 22 20.16 1.39 -4.03
C GLU B 22 20.36 2.68 -3.23
N PHE B 23 20.18 3.83 -3.86
CA PHE B 23 20.20 5.09 -3.11
C PHE B 23 19.18 5.05 -1.98
N ALA B 24 17.94 4.67 -2.30
CA ALA B 24 16.87 4.74 -1.31
C ALA B 24 17.06 3.70 -0.20
N THR B 25 17.43 2.48 -0.55
CA THR B 25 17.61 1.43 0.45
C THR B 25 18.80 1.75 1.37
N ASP B 26 19.86 2.32 0.78
CA ASP B 26 21.02 2.77 1.56
C ASP B 26 20.62 3.74 2.66
N LEU B 27 19.70 4.65 2.32
CA LEU B 27 19.19 5.63 3.27
C LEU B 27 18.48 4.93 4.41
N LEU B 28 17.67 3.95 4.04
CA LEU B 28 16.97 3.14 5.03
C LEU B 28 17.94 2.39 5.93
N ASP B 29 18.93 1.71 5.34
CA ASP B 29 19.93 0.97 6.14
C ASP B 29 20.67 1.89 7.10
N ARG B 30 21.11 3.02 6.60
CA ARG B 30 21.84 3.96 7.41
C ARG B 30 21.04 4.47 8.60
N ALA B 31 19.79 4.80 8.40
CA ALA B 31 18.96 5.35 9.46
C ALA B 31 18.64 4.34 10.56
N GLY B 32 18.88 3.06 10.32
CA GLY B 32 18.52 2.05 11.30
C GLY B 32 17.26 1.25 10.98
N VAL B 33 16.65 1.52 9.84
CA VAL B 33 15.47 0.79 9.41
C VAL B 33 15.82 -0.68 9.28
N LYS B 34 15.00 -1.54 9.88
CA LYS B 34 15.36 -2.95 10.01
C LYS B 34 14.91 -3.85 8.85
N GLY B 35 13.91 -3.42 8.09
CA GLY B 35 13.47 -4.20 6.96
C GLY B 35 12.72 -3.32 5.96
N TYR B 36 12.44 -3.87 4.78
CA TYR B 36 11.59 -3.20 3.81
C TYR B 36 11.10 -4.21 2.79
N THR B 37 10.05 -3.82 2.05
CA THR B 37 9.42 -4.65 1.05
C THR B 37 9.31 -3.82 -0.23
N ILE B 38 9.65 -4.41 -1.37
CA ILE B 38 9.65 -3.66 -2.62
C ILE B 38 8.68 -4.25 -3.62
N VAL B 39 7.73 -3.42 -4.03
CA VAL B 39 6.76 -3.77 -5.06
C VAL B 39 7.30 -3.28 -6.40
N GLY B 40 7.48 -4.19 -7.34
CA GLY B 40 8.16 -3.81 -8.56
C GLY B 40 7.24 -3.71 -9.75
N ASN B 41 7.78 -3.20 -10.85
CA ASN B 41 7.09 -3.17 -12.13
C ASN B 41 5.78 -2.37 -12.07
N LEU B 42 5.86 -1.17 -11.50
CA LEU B 42 4.70 -0.29 -11.38
C LEU B 42 4.52 0.59 -12.59
N SER B 43 3.36 1.24 -12.69
CA SER B 43 3.19 2.32 -13.66
C SER B 43 2.58 3.52 -12.95
N GLY B 44 2.64 4.68 -13.57
CA GLY B 44 2.16 5.87 -12.88
C GLY B 44 2.08 7.08 -13.75
N LYS B 45 1.31 8.04 -13.29
CA LYS B 45 1.27 9.39 -13.84
C LYS B 45 1.78 10.34 -12.79
N GLY B 46 2.66 11.22 -13.24
CA GLY B 46 3.32 12.20 -12.42
C GLY B 46 3.38 13.55 -13.10
N SER B 47 3.89 14.54 -12.40
CA SER B 47 3.97 15.87 -12.95
C SER B 47 4.78 15.83 -14.23
N HIS B 48 5.86 15.06 -14.21
CA HIS B 48 6.73 14.92 -15.38
C HIS B 48 6.10 14.26 -16.61
N GLY B 49 5.29 13.24 -16.39
CA GLY B 49 4.65 12.50 -17.47
C GLY B 49 4.27 11.11 -16.98
N MET B 50 4.13 10.17 -17.90
CA MET B 50 3.79 8.80 -17.56
C MET B 50 4.96 7.86 -17.52
N TYR B 51 4.92 7.01 -16.53
CA TYR B 51 5.93 5.98 -16.35
C TYR B 51 5.25 4.65 -16.60
N GLU B 52 5.67 3.90 -17.61
CA GLU B 52 4.98 2.66 -17.87
C GLU B 52 5.98 1.50 -17.76
N GLY B 53 5.86 0.78 -16.64
CA GLY B 53 6.80 -0.30 -16.32
C GLY B 53 7.03 -1.29 -17.44
N HIS B 54 5.94 -1.74 -18.07
CA HIS B 54 5.99 -2.75 -19.10
C HIS B 54 6.77 -2.36 -20.32
N LEU B 55 6.99 -1.07 -20.49
CA LEU B 55 7.72 -0.56 -21.65
C LEU B 55 9.22 -0.48 -21.46
N MET B 56 9.74 -0.74 -20.26
CA MET B 56 11.16 -0.54 -20.00
C MET B 56 11.95 -1.71 -20.54
N PHE B 57 13.12 -1.47 -21.08
CA PHE B 57 13.92 -2.54 -21.61
C PHE B 57 14.62 -3.29 -20.50
N ASN B 58 14.99 -2.60 -19.46
CA ASN B 58 15.62 -3.21 -18.32
C ASN B 58 14.61 -3.10 -17.23
N GLU B 59 14.20 -4.25 -16.72
CA GLU B 59 13.19 -4.32 -15.69
C GLU B 59 13.50 -3.49 -14.45
N ASP B 60 14.76 -3.49 -14.09
CA ASP B 60 15.22 -2.74 -12.93
C ASP B 60 15.04 -1.23 -13.05
N ASP B 61 14.75 -0.74 -14.25
CA ASP B 61 14.53 0.70 -14.45
C ASP B 61 13.11 1.14 -14.19
N ALA B 62 12.18 0.19 -14.11
CA ALA B 62 10.78 0.60 -13.92
C ALA B 62 10.57 1.18 -12.53
N LEU B 63 9.50 1.95 -12.37
CA LEU B 63 9.09 2.44 -11.05
C LEU B 63 8.95 1.33 -10.02
N ILE B 64 9.32 1.63 -8.77
CA ILE B 64 9.12 0.72 -7.65
C ILE B 64 8.46 1.44 -6.48
N MET B 65 7.96 0.68 -5.53
CA MET B 65 7.44 1.27 -4.33
C MET B 65 8.09 0.52 -3.19
N ILE B 66 8.84 1.23 -2.38
CA ILE B 66 9.44 0.64 -1.18
C ILE B 66 8.54 0.90 0.03
N ILE B 67 8.11 -0.18 0.66
CA ILE B 67 7.33 -0.10 1.90
C ILE B 67 8.24 -0.36 3.08
N ALA B 68 8.24 0.56 4.04
CA ALA B 68 9.10 0.42 5.20
C ALA B 68 8.37 0.81 6.45
N ALA B 69 8.11 -0.15 7.32
CA ALA B 69 7.61 0.15 8.65
C ALA B 69 8.76 0.62 9.53
N VAL B 70 8.59 1.79 10.13
CA VAL B 70 9.65 2.41 10.92
C VAL B 70 9.07 3.05 12.18
N PRO B 71 9.90 3.16 13.25
CA PRO B 71 9.51 3.96 14.42
C PRO B 71 9.38 5.41 14.05
N GLU B 72 8.48 6.14 14.69
CA GLU B 72 8.19 7.52 14.29
C GLU B 72 9.42 8.42 14.38
N GLU B 73 10.38 8.04 15.23
CA GLU B 73 11.63 8.80 15.39
C GLU B 73 12.51 8.82 14.14
N LEU B 74 12.29 7.88 13.23
CA LEU B 74 13.13 7.82 12.04
C LEU B 74 12.51 8.53 10.84
N VAL B 75 11.29 9.01 10.99
CA VAL B 75 10.59 9.63 9.86
C VAL B 75 11.26 10.95 9.50
N GLY B 76 11.59 11.78 10.50
CA GLY B 76 12.30 13.01 10.25
C GLY B 76 13.64 12.85 9.55
N PRO B 77 14.56 12.10 10.18
CA PRO B 77 15.87 11.81 9.58
C PRO B 77 15.75 11.24 8.16
N LEU B 78 14.73 10.44 7.90
CA LEU B 78 14.57 9.83 6.58
C LEU B 78 14.09 10.85 5.56
N LEU B 79 13.09 11.64 5.94
CA LEU B 79 12.49 12.61 5.01
C LEU B 79 13.49 13.72 4.68
N GLU B 80 14.37 14.03 5.64
CA GLU B 80 15.43 15.01 5.40
C GLU B 80 16.38 14.50 4.35
N GLY B 81 16.58 13.18 4.32
CA GLY B 81 17.44 12.57 3.33
C GLY B 81 16.80 12.46 1.95
N PHE B 82 15.50 12.20 1.93
CA PHE B 82 14.81 12.00 0.68
C PHE B 82 14.40 13.31 -0.01
N GLN B 83 14.31 14.39 0.75
CA GLN B 83 13.93 15.70 0.22
C GLN B 83 14.80 16.20 -0.94
N PRO B 84 16.12 16.30 -0.72
CA PRO B 84 16.96 16.80 -1.83
C PRO B 84 16.91 15.89 -3.05
N PHE B 85 16.81 14.59 -2.82
CA PHE B 85 16.66 13.65 -3.93
C PHE B 85 15.41 13.97 -4.76
N PHE B 86 14.31 14.29 -4.08
CA PHE B 86 13.02 14.47 -4.75
C PHE B 86 12.85 15.88 -5.29
N GLU B 87 13.79 16.78 -4.97
CA GLU B 87 13.86 18.09 -5.62
C GLU B 87 14.48 17.91 -7.00
N ALA B 88 15.24 16.84 -7.16
CA ALA B 88 15.99 16.61 -8.40
C ALA B 88 15.47 15.45 -9.21
N HIS B 89 14.67 14.58 -8.58
CA HIS B 89 14.21 13.34 -9.20
C HIS B 89 12.73 13.07 -8.97
N SER B 90 12.14 12.25 -9.83
CA SER B 90 10.74 11.87 -9.73
C SER B 90 10.46 11.08 -8.47
N GLY B 91 9.28 11.27 -7.88
CA GLY B 91 8.85 10.40 -6.79
C GLY B 91 8.08 11.07 -5.66
N VAL B 92 7.57 10.28 -4.72
CA VAL B 92 6.78 10.78 -3.59
C VAL B 92 6.99 9.89 -2.38
N VAL B 93 6.78 10.41 -1.18
CA VAL B 93 6.77 9.61 0.05
C VAL B 93 5.49 9.82 0.83
N PHE B 94 4.79 8.74 1.17
CA PHE B 94 3.55 8.79 1.94
C PHE B 94 3.80 8.23 3.32
N VAL B 95 3.53 8.99 4.38
CA VAL B 95 3.67 8.48 5.75
C VAL B 95 2.30 7.99 6.31
N HIS B 96 2.26 6.74 6.75
CA HIS B 96 1.05 6.16 7.36
C HIS B 96 1.25 5.90 8.83
N ASP B 97 0.16 5.96 9.60
CA ASP B 97 0.10 5.39 10.93
C ASP B 97 -0.28 3.92 10.80
N ILE B 98 0.44 3.03 11.47
CA ILE B 98 0.00 1.63 11.51
C ILE B 98 0.13 1.08 12.92
N GLN B 99 -0.36 -0.15 13.12
CA GLN B 99 -0.10 -0.86 14.35
C GLN B 99 0.54 -2.19 14.03
N VAL B 100 1.39 -2.66 14.93
CA VAL B 100 2.02 -3.95 14.81
C VAL B 100 2.03 -4.67 16.15
N GLY B 101 2.17 -5.98 16.12
CA GLY B 101 2.20 -6.77 17.34
C GLY B 101 3.58 -7.03 17.89
N ARG B 102 4.64 -6.72 17.13
CA ARG B 102 6.00 -7.03 17.58
C ARG B 102 6.99 -5.89 17.32
N PRO B 103 6.99 -4.89 18.19
CA PRO B 103 7.83 -3.71 18.02
C PRO B 103 9.31 -4.00 17.91
N ILE B 104 9.78 -5.01 18.61
CA ILE B 104 11.18 -5.38 18.59
C ILE B 104 11.70 -5.72 17.19
N LYS B 105 10.84 -6.27 16.33
CA LYS B 105 11.20 -6.60 14.96
C LYS B 105 11.48 -5.37 14.09
N PHE B 106 10.99 -4.23 14.53
CA PHE B 106 11.06 -2.99 13.80
C PHE B 106 11.90 -1.89 14.42
N ARG B 107 12.05 -1.90 15.73
CA ARG B 107 12.76 -0.87 16.49
C ARG B 107 14.01 -1.49 16.92
N ILE C 4 5.83 21.97 12.64
CA ILE C 4 6.77 21.07 12.04
C ILE C 4 6.73 20.83 10.50
N LYS C 5 7.08 19.61 10.11
CA LYS C 5 7.20 19.30 8.73
C LYS C 5 6.19 18.41 8.03
N LEU C 6 5.12 17.94 8.66
CA LEU C 6 4.19 17.06 7.94
C LEU C 6 2.78 17.61 7.80
N TYR C 7 2.18 17.36 6.65
CA TYR C 7 0.85 17.90 6.37
C TYR C 7 -0.04 16.75 5.93
N PRO C 8 -1.30 16.78 6.36
CA PRO C 8 -2.21 15.66 6.13
C PRO C 8 -2.73 15.63 4.70
N LEU C 9 -3.01 14.43 4.20
CA LEU C 9 -3.66 14.26 2.92
C LEU C 9 -4.47 12.97 3.00
N LYS C 10 -5.20 12.67 1.93
CA LYS C 10 -5.93 11.42 1.85
C LYS C 10 -5.27 10.53 0.82
N LYS C 11 -5.38 9.21 0.98
CA LYS C 11 -4.83 8.31 -0.03
C LYS C 11 -5.85 7.24 -0.34
N LEU C 12 -6.27 7.18 -1.60
CA LEU C 12 -7.18 6.13 -2.04
C LEU C 12 -6.45 4.91 -2.56
N GLU C 13 -6.99 3.75 -2.25
CA GLU C 13 -6.58 2.50 -2.87
C GLU C 13 -7.82 1.98 -3.59
N ILE C 14 -7.78 2.04 -4.92
CA ILE C 14 -8.90 1.63 -5.76
C ILE C 14 -8.62 0.30 -6.41
N ILE C 15 -9.37 -0.75 -6.04
CA ILE C 15 -9.18 -2.09 -6.58
C ILE C 15 -10.34 -2.47 -7.52
N LEU C 16 -10.00 -2.83 -8.75
CA LEU C 16 -10.99 -3.07 -9.80
C LEU C 16 -10.33 -3.86 -10.94
N GLU C 17 -11.15 -4.36 -11.86
CA GLU C 17 -10.65 -5.18 -12.95
C GLU C 17 -9.75 -4.37 -13.87
N GLY C 18 -8.64 -4.96 -14.28
CA GLY C 18 -7.71 -4.30 -15.18
C GLY C 18 -8.36 -3.70 -16.41
N ALA C 19 -9.41 -4.34 -16.89
CA ALA C 19 -10.10 -3.88 -18.10
C ALA C 19 -10.76 -2.52 -17.93
N HIS C 20 -10.93 -2.09 -16.69
CA HIS C 20 -11.58 -0.82 -16.44
C HIS C 20 -10.60 0.25 -15.95
N LYS C 21 -9.32 0.06 -16.27
CA LYS C 21 -8.28 1.02 -15.91
C LYS C 21 -8.57 2.41 -16.48
N GLU C 22 -8.79 2.48 -17.79
CA GLU C 22 -8.98 3.76 -18.44
C GLU C 22 -10.15 4.52 -17.82
N PHE C 23 -11.22 3.80 -17.47
CA PHE C 23 -12.35 4.48 -16.85
C PHE C 23 -11.92 5.21 -15.60
N ALA C 24 -11.25 4.49 -14.71
CA ALA C 24 -10.87 5.00 -13.41
C ALA C 24 -9.85 6.13 -13.51
N THR C 25 -8.83 5.99 -14.35
CA THR C 25 -7.82 7.05 -14.48
C THR C 25 -8.42 8.31 -15.09
N ASP C 26 -9.33 8.14 -16.05
CA ASP C 26 -9.96 9.31 -16.67
C ASP C 26 -10.83 10.02 -15.63
N LEU C 27 -11.46 9.25 -14.77
CA LEU C 27 -12.23 9.80 -13.68
C LEU C 27 -11.36 10.59 -12.67
N LEU C 28 -10.21 10.04 -12.29
CA LEU C 28 -9.29 10.76 -11.41
C LEU C 28 -8.82 12.08 -12.06
N ASP C 29 -8.38 12.01 -13.30
CA ASP C 29 -7.92 13.15 -14.10
C ASP C 29 -9.00 14.25 -14.14
N ARG C 30 -10.10 13.95 -14.77
CA ARG C 30 -11.23 14.81 -14.52
CA ARG C 30 -11.24 14.86 -14.47
C ARG C 30 -11.55 15.61 -13.18
N ALA C 31 -11.31 14.84 -12.14
CA ALA C 31 -11.58 15.38 -10.81
C ALA C 31 -10.49 16.34 -10.34
N GLY C 32 -9.35 16.34 -11.03
CA GLY C 32 -8.25 17.22 -10.65
C GLY C 32 -7.15 16.55 -9.86
N VAL C 33 -7.23 15.24 -9.71
CA VAL C 33 -6.20 14.47 -9.02
C VAL C 33 -4.88 14.62 -9.79
N LYS C 34 -3.80 14.93 -9.09
CA LYS C 34 -2.58 15.28 -9.80
C LYS C 34 -1.63 14.12 -10.12
N GLY C 35 -1.92 12.93 -9.62
CA GLY C 35 -1.06 11.79 -9.90
C GLY C 35 -1.62 10.51 -9.34
N TYR C 36 -1.10 9.37 -9.79
CA TYR C 36 -1.53 8.07 -9.29
C TYR C 36 -0.50 7.00 -9.64
N THR C 37 -0.57 5.88 -8.93
CA THR C 37 0.38 4.78 -9.09
C THR C 37 -0.41 3.49 -9.26
N ILE C 38 -0.02 2.68 -10.22
CA ILE C 38 -0.81 1.50 -10.56
C ILE C 38 -0.06 0.19 -10.29
N VAL C 39 -0.55 -0.56 -9.32
CA VAL C 39 0.00 -1.88 -9.08
C VAL C 39 -0.78 -2.88 -9.94
N GLY C 40 -0.08 -3.55 -10.85
CA GLY C 40 -0.71 -4.48 -11.76
C GLY C 40 -0.59 -5.95 -11.37
N ASN C 41 -1.33 -6.79 -12.09
CA ASN C 41 -1.29 -8.25 -11.92
C ASN C 41 -1.61 -8.75 -10.50
N LEU C 42 -2.76 -8.42 -9.98
CA LEU C 42 -3.17 -8.87 -8.69
C LEU C 42 -4.21 -10.00 -8.79
N SER C 43 -4.32 -10.75 -7.72
CA SER C 43 -5.28 -11.82 -7.56
C SER C 43 -6.12 -11.47 -6.38
N GLY C 44 -7.30 -12.05 -6.31
CA GLY C 44 -8.19 -11.80 -5.21
C GLY C 44 -9.43 -12.66 -5.06
N LYS C 45 -10.12 -12.48 -3.96
CA LYS C 45 -11.35 -13.17 -3.69
C LYS C 45 -12.30 -12.14 -3.20
N GLY C 46 -13.54 -12.28 -3.62
CA GLY C 46 -14.61 -11.39 -3.23
C GLY C 46 -15.93 -12.09 -3.50
N SER C 47 -17.01 -11.39 -3.23
CA SER C 47 -18.39 -11.82 -3.43
C SER C 47 -18.52 -12.74 -4.58
N HIS C 48 -18.30 -12.16 -5.76
CA HIS C 48 -18.42 -12.86 -7.03
C HIS C 48 -17.12 -13.53 -7.45
N GLY C 49 -16.74 -14.50 -6.65
CA GLY C 49 -15.59 -15.33 -6.90
C GLY C 49 -14.21 -14.77 -6.68
N MET C 50 -13.26 -15.51 -7.25
CA MET C 50 -11.83 -15.24 -7.22
C MET C 50 -11.23 -14.69 -8.52
N TYR C 51 -9.94 -14.40 -8.43
CA TYR C 51 -9.17 -13.84 -9.49
C TYR C 51 -7.77 -14.37 -9.53
N ALA C 62 -7.68 -10.56 -13.94
CA ALA C 62 -6.72 -9.45 -14.03
C ALA C 62 -7.18 -8.25 -13.21
N LEU C 63 -6.69 -8.17 -11.99
CA LEU C 63 -7.03 -7.08 -11.10
C LEU C 63 -5.88 -6.08 -10.94
N ILE C 64 -6.17 -4.81 -10.77
CA ILE C 64 -5.12 -3.83 -10.51
C ILE C 64 -5.51 -2.97 -9.31
N MET C 65 -4.54 -2.30 -8.74
CA MET C 65 -4.77 -1.41 -7.63
C MET C 65 -4.26 0.00 -7.98
N ILE C 66 -5.13 0.97 -8.02
CA ILE C 66 -4.71 2.34 -8.28
C ILE C 66 -4.58 3.08 -6.97
N ILE C 67 -3.37 3.56 -6.73
CA ILE C 67 -3.06 4.38 -5.56
C ILE C 67 -3.08 5.86 -5.91
N ALA C 68 -3.88 6.65 -5.19
CA ALA C 68 -4.00 8.08 -5.49
C ALA C 68 -4.00 8.91 -4.24
N ALA C 69 -2.97 9.76 -4.10
CA ALA C 69 -2.88 10.71 -2.99
C ALA C 69 -3.66 11.95 -3.34
N VAL C 70 -4.65 12.27 -2.53
CA VAL C 70 -5.53 13.38 -2.87
C VAL C 70 -5.83 14.22 -1.63
N PRO C 71 -6.08 15.52 -1.83
CA PRO C 71 -6.59 16.38 -0.76
C PRO C 71 -7.95 15.92 -0.31
N GLU C 72 -8.30 16.13 0.95
CA GLU C 72 -9.57 15.65 1.47
C GLU C 72 -10.75 16.16 0.65
N GLU C 73 -10.59 17.32 0.01
CA GLU C 73 -11.63 17.97 -0.78
C GLU C 73 -12.08 17.14 -1.97
N LEU C 74 -11.32 16.11 -2.32
CA LEU C 74 -11.63 15.34 -3.52
C LEU C 74 -12.23 13.97 -3.25
N VAL C 75 -12.12 13.49 -2.01
CA VAL C 75 -12.64 12.17 -1.64
C VAL C 75 -14.13 12.04 -1.91
N GLY C 76 -14.91 12.99 -1.39
CA GLY C 76 -16.35 13.01 -1.59
C GLY C 76 -16.66 12.88 -3.06
N PRO C 77 -16.32 13.91 -3.84
CA PRO C 77 -16.50 13.90 -5.29
C PRO C 77 -16.08 12.59 -5.92
N LEU C 78 -14.90 12.07 -5.56
CA LEU C 78 -14.36 10.88 -6.21
C LEU C 78 -15.17 9.60 -5.94
N LEU C 79 -15.71 9.47 -4.73
CA LEU C 79 -16.48 8.28 -4.37
C LEU C 79 -17.86 8.32 -5.04
N GLU C 80 -18.42 9.52 -5.15
CA GLU C 80 -19.65 9.74 -5.93
C GLU C 80 -19.47 9.30 -7.39
N GLY C 81 -18.33 9.64 -7.97
CA GLY C 81 -18.00 9.22 -9.31
C GLY C 81 -17.90 7.71 -9.46
N PHE C 82 -17.28 7.06 -8.47
CA PHE C 82 -17.05 5.63 -8.56
C PHE C 82 -18.29 4.81 -8.19
N GLN C 83 -19.23 5.39 -7.46
CA GLN C 83 -20.39 4.63 -6.98
C GLN C 83 -21.16 3.96 -8.11
N PRO C 84 -21.58 4.75 -9.11
CA PRO C 84 -22.29 4.16 -10.25
C PRO C 84 -21.52 3.00 -10.89
N PHE C 85 -20.21 3.15 -11.06
CA PHE C 85 -19.39 2.09 -11.62
C PHE C 85 -19.45 0.85 -10.73
N PHE C 86 -19.33 1.07 -9.42
CA PHE C 86 -19.18 -0.02 -8.47
C PHE C 86 -20.49 -0.74 -8.14
N GLU C 87 -21.60 -0.21 -8.63
CA GLU C 87 -22.87 -0.90 -8.45
C GLU C 87 -23.00 -1.99 -9.51
N ALA C 88 -22.31 -1.82 -10.63
CA ALA C 88 -22.39 -2.77 -11.74
C ALA C 88 -21.08 -3.51 -12.01
N HIS C 89 -20.08 -3.29 -11.16
CA HIS C 89 -18.76 -3.90 -11.36
C HIS C 89 -18.08 -4.29 -10.04
N SER C 90 -17.20 -5.29 -10.12
CA SER C 90 -16.41 -5.71 -8.97
C SER C 90 -15.47 -4.61 -8.50
N GLY C 91 -15.15 -4.60 -7.21
CA GLY C 91 -14.14 -3.68 -6.71
C GLY C 91 -14.46 -2.94 -5.43
N VAL C 92 -13.51 -2.14 -4.96
CA VAL C 92 -13.66 -1.41 -3.70
C VAL C 92 -12.72 -0.21 -3.64
N VAL C 93 -13.00 0.69 -2.70
CA VAL C 93 -12.15 1.86 -2.50
C VAL C 93 -11.81 1.94 -1.02
N PHE C 94 -10.51 1.96 -0.71
CA PHE C 94 -10.05 2.19 0.67
C PHE C 94 -9.51 3.60 0.82
N VAL C 95 -10.02 4.35 1.81
CA VAL C 95 -9.56 5.71 2.07
C VAL C 95 -8.61 5.70 3.27
N HIS C 96 -7.42 6.24 3.09
CA HIS C 96 -6.46 6.27 4.16
C HIS C 96 -6.09 7.68 4.52
N ASP C 97 -5.71 7.89 5.77
CA ASP C 97 -5.10 9.15 6.15
C ASP C 97 -3.62 8.96 5.98
N ILE C 98 -2.95 9.93 5.37
CA ILE C 98 -1.50 9.92 5.27
C ILE C 98 -0.97 11.31 5.52
N GLN C 99 0.34 11.41 5.63
CA GLN C 99 0.98 12.69 5.77
C GLN C 99 2.09 12.82 4.74
N VAL C 100 2.30 14.04 4.26
CA VAL C 100 3.29 14.33 3.26
C VAL C 100 4.06 15.59 3.69
N GLY C 101 5.26 15.78 3.16
CA GLY C 101 6.06 16.94 3.56
C GLY C 101 5.69 18.20 2.79
N ARG C 102 5.17 18.07 1.58
CA ARG C 102 4.85 19.21 0.72
C ARG C 102 3.56 18.93 -0.05
N PRO C 103 2.42 19.30 0.51
CA PRO C 103 1.12 18.95 -0.08
C PRO C 103 0.92 19.66 -1.40
N ILE C 104 1.83 20.58 -1.72
CA ILE C 104 1.85 21.32 -2.97
C ILE C 104 1.57 20.47 -4.20
N LYS C 105 2.40 19.47 -4.29
CA LYS C 105 2.36 18.52 -5.36
C LYS C 105 1.02 17.84 -5.52
N PHE C 106 0.19 17.87 -4.50
CA PHE C 106 -1.06 17.14 -4.55
C PHE C 106 -2.32 17.93 -4.80
N ARG C 107 -2.20 19.24 -4.78
CA ARG C 107 -3.31 20.20 -4.94
C ARG C 107 -3.11 21.10 -6.14
P AMP D . -16.08 -7.82 -5.25
O1P AMP D . -16.38 -6.44 -5.65
O2P AMP D . -16.60 -8.10 -3.92
O3P AMP D . -16.26 -8.86 -6.25
O5' AMP D . -14.56 -7.86 -4.98
C5' AMP D . -13.69 -7.82 -6.07
C4' AMP D . -12.23 -7.63 -5.65
O4' AMP D . -12.03 -6.53 -4.81
C3' AMP D . -11.71 -8.82 -4.92
O3' AMP D . -11.39 -9.84 -5.81
C2' AMP D . -10.55 -8.23 -4.17
O2' AMP D . -9.36 -8.36 -4.92
C1' AMP D . -11.03 -6.83 -3.89
N9 AMP D . -11.59 -6.85 -2.54
C8 AMP D . -12.90 -6.92 -2.24
N7 AMP D . -13.12 -6.95 -0.91
C5 AMP D . -11.93 -6.92 -0.38
C6 AMP D . -11.42 -6.94 0.97
N6 AMP D . -12.24 -6.98 2.02
N1 AMP D . -10.12 -6.85 1.12
C2 AMP D . -9.29 -6.80 0.10
N3 AMP D . -9.65 -6.80 -1.15
C4 AMP D . -10.93 -6.85 -1.45
P AMP E . 11.56 -11.28 8.49
O1P AMP E . 12.35 -10.32 9.34
O2P AMP E . 12.40 -12.42 7.94
O3P AMP E . 10.22 -11.72 9.04
O5' AMP E . 11.17 -10.47 7.18
C5' AMP E . 10.46 -11.11 6.14
C4' AMP E . 9.97 -10.12 5.11
O4' AMP E . 9.01 -9.21 5.71
C3' AMP E . 11.04 -9.20 4.52
O3' AMP E . 11.78 -9.82 3.49
C2' AMP E . 10.23 -8.00 4.07
O2' AMP E . 9.64 -8.24 2.81
C1' AMP E . 9.13 -7.94 5.12
N9 AMP E . 9.49 -6.96 6.18
C8 AMP E . 10.20 -7.20 7.29
N7 AMP E . 10.38 -6.07 8.00
C5 AMP E . 9.78 -5.08 7.33
C6 AMP E . 9.61 -3.63 7.52
N6 AMP E . 10.10 -2.99 8.59
N1 AMP E . 8.93 -2.95 6.58
C2 AMP E . 8.43 -3.56 5.50
N3 AMP E . 8.55 -4.87 5.25
C4 AMP E . 9.20 -5.66 6.14
CL CL F . 4.87 -8.24 12.73
P AMP G . 6.47 12.90 -10.30
O1P AMP G . 7.59 13.04 -9.28
O2P AMP G . 5.37 13.93 -10.14
O3P AMP G . 6.98 12.61 -11.68
O5' AMP G . 5.80 11.53 -9.86
C5' AMP G . 6.41 10.30 -10.20
C4' AMP G . 5.58 9.11 -9.81
O4' AMP G . 5.10 9.26 -8.45
C3' AMP G . 4.32 8.93 -10.63
O3' AMP G . 4.58 8.28 -11.85
C2' AMP G . 3.43 8.11 -9.70
O2' AMP G . 3.80 6.76 -9.75
C1' AMP G . 3.83 8.68 -8.32
N9 AMP G . 2.87 9.72 -7.89
C8 AMP G . 2.96 11.06 -8.14
N7 AMP G . 1.91 11.72 -7.61
C5 AMP G . 1.11 10.81 -7.04
C6 AMP G . -0.16 10.84 -6.31
N6 AMP G . -0.78 12.02 -6.10
N1 AMP G . -0.67 9.67 -5.88
C2 AMP G . -0.03 8.51 -6.08
N3 AMP G . 1.14 8.40 -6.73
C4 AMP G . 1.75 9.50 -7.22
#